data_7ETK
#
_entry.id   7ETK
#
_cell.length_a   62.024
_cell.length_b   77.782
_cell.length_c   62.208
_cell.angle_alpha   90.000
_cell.angle_beta   103.708
_cell.angle_gamma   90.000
#
_symmetry.space_group_name_H-M   'P 1 21 1'
#
loop_
_entity.id
_entity.type
_entity.pdbx_description
1 polymer 'Verruculogen synthase'
2 non-polymer '2-OXOGLUTARIC ACID'
3 non-polymer 'FE (II) ION'
4 non-polymer 1,2-ETHANEDIOL
5 non-polymer 'fumitremorgen B'
6 non-polymer GLYCEROL
7 water water
#
_entity_poly.entity_id   1
_entity_poly.type   'polypeptide(L)'
_entity_poly.pdbx_seq_one_letter_code
;MTVDSKPQLQRLAADADVDRMCRLLEEDGAFILKGLLPFDVVESFNRELDVQMAIPPPKGERLLADKYPPHFKYVPNVAT
TCPTFRNTVLINPVIHAICEAYFQRTGDYWLSAAFLREIESGMPAQPFHRDDATHPLMHYQPLEAPPVSLSVIFPLTEFT
EENGATEVILGSHRWTEVGTPERDQAVLATMDPGDVLIVRQRVVHAGGGNRTTAGKPRRVVLAYFNSVQLTPFETYRTMP
REMVESMTVLGQRMLGWRTMKPSDPNIVGINLIDDKRLENVLQLKAADSPALEVDLQGDHGLSAWSHPQFEK
;
_entity_poly.pdbx_strand_id   A,B
#
# COMPACT_ATOMS: atom_id res chain seq x y z
N LYS A 6 -27.13 -28.55 -1.73
CA LYS A 6 -26.28 -27.44 -1.28
C LYS A 6 -25.57 -26.79 -2.46
N PRO A 7 -25.75 -25.48 -2.63
CA PRO A 7 -25.18 -24.81 -3.81
C PRO A 7 -23.67 -24.96 -3.88
N GLN A 8 -23.18 -25.29 -5.07
CA GLN A 8 -21.78 -25.57 -5.30
C GLN A 8 -21.12 -24.41 -6.04
N LEU A 9 -19.79 -24.37 -6.00
CA LEU A 9 -19.06 -23.44 -6.85
C LEU A 9 -19.42 -23.68 -8.31
N GLN A 10 -19.66 -22.61 -9.04
CA GLN A 10 -19.94 -22.71 -10.46
C GLN A 10 -18.63 -22.83 -11.23
N ARG A 11 -18.58 -23.81 -12.14
CA ARG A 11 -17.46 -23.98 -13.06
C ARG A 11 -17.79 -23.34 -14.40
N LEU A 12 -16.84 -22.61 -14.97
CA LEU A 12 -16.98 -21.99 -16.27
C LEU A 12 -15.81 -22.40 -17.15
N ALA A 13 -16.04 -22.45 -18.46
CA ALA A 13 -14.94 -22.66 -19.39
C ALA A 13 -14.06 -21.42 -19.48
N ALA A 14 -12.85 -21.62 -20.00
CA ALA A 14 -11.88 -20.54 -20.09
C ALA A 14 -12.34 -19.41 -21.01
N ASP A 15 -13.25 -19.69 -21.95
CA ASP A 15 -13.76 -18.69 -22.86
C ASP A 15 -15.11 -18.11 -22.44
N ALA A 16 -15.55 -18.34 -21.21
CA ALA A 16 -16.77 -17.70 -20.74
C ALA A 16 -16.62 -16.18 -20.74
N ASP A 17 -17.74 -15.47 -20.82
CA ASP A 17 -17.71 -14.02 -20.72
C ASP A 17 -17.39 -13.58 -19.30
N VAL A 18 -16.61 -12.50 -19.19
CA VAL A 18 -16.22 -12.00 -17.88
C VAL A 18 -17.43 -11.43 -17.12
N ASP A 19 -18.47 -10.98 -17.83
CA ASP A 19 -19.63 -10.49 -17.11
CA ASP A 19 -19.67 -10.51 -17.15
C ASP A 19 -20.27 -11.60 -16.26
N ARG A 20 -20.27 -12.84 -16.75
CA ARG A 20 -20.79 -13.95 -15.96
C ARG A 20 -19.91 -14.21 -14.74
N MET A 21 -18.59 -14.16 -14.94
CA MET A 21 -17.65 -14.29 -13.82
C MET A 21 -17.91 -13.24 -12.76
N CYS A 22 -18.13 -11.99 -13.18
CA CYS A 22 -18.38 -10.92 -12.22
C CYS A 22 -19.67 -11.16 -11.45
N ARG A 23 -20.72 -11.61 -12.14
CA ARG A 23 -21.97 -11.91 -11.45
C ARG A 23 -21.77 -12.99 -10.39
N LEU A 24 -20.97 -14.02 -10.71
CA LEU A 24 -20.72 -15.07 -9.73
C LEU A 24 -19.91 -14.55 -8.54
N LEU A 25 -18.94 -13.66 -8.79
CA LEU A 25 -18.19 -13.10 -7.66
C LEU A 25 -19.10 -12.28 -6.75
N GLU A 26 -20.04 -11.54 -7.34
CA GLU A 26 -20.92 -10.74 -6.50
C GLU A 26 -21.90 -11.61 -5.72
N GLU A 27 -22.42 -12.66 -6.35
CA GLU A 27 -23.45 -13.48 -5.71
C GLU A 27 -22.83 -14.53 -4.79
N ASP A 28 -21.97 -15.38 -5.32
CA ASP A 28 -21.39 -16.47 -4.56
C ASP A 28 -20.09 -16.11 -3.87
N GLY A 29 -19.34 -15.17 -4.43
CA GLY A 29 -18.04 -14.82 -3.90
C GLY A 29 -16.86 -15.53 -4.55
N ALA A 30 -17.13 -16.46 -5.46
CA ALA A 30 -16.08 -17.30 -6.00
C ALA A 30 -16.64 -18.09 -7.18
N PHE A 31 -15.74 -18.52 -8.05
CA PHE A 31 -16.08 -19.43 -9.15
C PHE A 31 -14.80 -20.10 -9.60
N ILE A 32 -14.95 -21.11 -10.46
CA ILE A 32 -13.82 -21.86 -11.00
C ILE A 32 -13.80 -21.71 -12.52
N LEU A 33 -12.61 -21.46 -13.06
CA LEU A 33 -12.38 -21.54 -14.50
C LEU A 33 -11.72 -22.87 -14.83
N LYS A 34 -12.23 -23.56 -15.84
CA LYS A 34 -11.72 -24.87 -16.23
C LYS A 34 -10.73 -24.75 -17.38
N GLY A 35 -9.58 -25.39 -17.24
CA GLY A 35 -8.68 -25.55 -18.38
C GLY A 35 -8.06 -24.27 -18.87
N LEU A 36 -7.75 -23.35 -17.97
CA LEU A 36 -7.14 -22.10 -18.39
C LEU A 36 -5.69 -22.31 -18.81
N LEU A 37 -4.89 -23.01 -17.98
CA LEU A 37 -3.48 -23.16 -18.29
C LEU A 37 -3.23 -24.47 -19.01
N PRO A 38 -2.47 -24.47 -20.11
CA PRO A 38 -2.17 -25.71 -20.82
C PRO A 38 -1.24 -26.62 -20.04
N PHE A 39 -1.22 -27.88 -20.46
CA PHE A 39 -0.42 -28.92 -19.80
C PHE A 39 1.04 -28.51 -19.67
N ASP A 40 1.62 -27.95 -20.74
CA ASP A 40 3.05 -27.65 -20.70
C ASP A 40 3.37 -26.55 -19.70
N VAL A 41 2.45 -25.60 -19.51
CA VAL A 41 2.66 -24.53 -18.55
C VAL A 41 2.60 -25.07 -17.12
N VAL A 42 1.60 -25.90 -16.84
CA VAL A 42 1.50 -26.53 -15.53
C VAL A 42 2.75 -27.35 -15.24
N GLU A 43 3.22 -28.09 -16.25
CA GLU A 43 4.37 -28.98 -16.06
CA GLU A 43 4.36 -28.97 -16.05
C GLU A 43 5.63 -28.18 -15.77
N SER A 44 5.89 -27.14 -16.56
CA SER A 44 7.09 -26.33 -16.33
CA SER A 44 7.10 -26.35 -16.32
C SER A 44 7.04 -25.61 -14.99
N PHE A 45 5.86 -25.08 -14.62
CA PHE A 45 5.71 -24.44 -13.32
C PHE A 45 6.02 -25.43 -12.19
N ASN A 46 5.51 -26.66 -12.31
CA ASN A 46 5.78 -27.66 -11.27
C ASN A 46 7.26 -28.00 -11.19
N ARG A 47 7.95 -28.09 -12.33
CA ARG A 47 9.38 -28.38 -12.31
CA ARG A 47 9.38 -28.38 -12.31
C ARG A 47 10.18 -27.24 -11.68
N GLU A 48 9.76 -26.00 -11.92
CA GLU A 48 10.43 -24.86 -11.28
C GLU A 48 10.19 -24.87 -9.77
N LEU A 49 8.99 -25.22 -9.35
CA LEU A 49 8.73 -25.33 -7.92
C LEU A 49 9.47 -26.50 -7.31
N ASP A 50 9.67 -27.59 -8.07
CA ASP A 50 10.45 -28.72 -7.55
C ASP A 50 11.85 -28.27 -7.16
N VAL A 51 12.45 -27.38 -7.95
CA VAL A 51 13.78 -26.86 -7.62
C VAL A 51 13.76 -26.21 -6.23
N GLN A 52 12.74 -25.38 -5.98
CA GLN A 52 12.66 -24.68 -4.71
C GLN A 52 12.29 -25.62 -3.57
N MET A 53 11.44 -26.61 -3.84
CA MET A 53 11.04 -27.56 -2.81
C MET A 53 12.18 -28.47 -2.37
N ALA A 54 13.18 -28.67 -3.22
CA ALA A 54 14.35 -29.46 -2.84
C ALA A 54 15.33 -28.69 -1.97
N ILE A 55 15.18 -27.37 -1.90
CA ILE A 55 16.01 -26.56 -1.01
C ILE A 55 15.48 -26.70 0.42
N PRO A 56 16.31 -27.06 1.38
CA PRO A 56 15.83 -27.15 2.76
C PRO A 56 15.44 -25.77 3.27
N PRO A 57 14.45 -25.69 4.16
CA PRO A 57 14.08 -24.38 4.72
C PRO A 57 15.22 -23.83 5.55
N PRO A 58 15.31 -22.50 5.67
CA PRO A 58 16.34 -21.93 6.54
C PRO A 58 15.95 -22.10 7.99
N LYS A 59 16.97 -22.17 8.86
CA LYS A 59 16.72 -22.15 10.29
C LYS A 59 16.79 -20.75 10.89
N GLY A 60 17.05 -19.73 10.06
CA GLY A 60 16.84 -18.38 10.49
C GLY A 60 15.34 -18.08 10.55
N GLU A 61 15.04 -16.79 10.65
CA GLU A 61 13.66 -16.35 10.80
C GLU A 61 12.86 -16.67 9.54
N ARG A 62 11.64 -17.15 9.73
CA ARG A 62 10.66 -17.34 8.67
C ARG A 62 9.38 -16.69 9.16
N LEU A 63 9.04 -15.51 8.61
CA LEU A 63 8.04 -14.66 9.25
C LEU A 63 6.66 -15.30 9.28
N LEU A 64 6.26 -15.96 8.19
CA LEU A 64 4.99 -16.67 8.18
C LEU A 64 5.15 -18.11 8.69
N ALA A 65 6.13 -18.85 8.16
CA ALA A 65 6.21 -20.28 8.47
C ALA A 65 6.46 -20.53 9.95
N ASP A 66 7.25 -19.67 10.61
CA ASP A 66 7.56 -19.89 12.02
C ASP A 66 6.34 -19.70 12.92
N LYS A 67 5.31 -19.00 12.46
CA LYS A 67 4.22 -18.66 13.34
C LYS A 67 3.09 -19.68 13.33
N TYR A 68 3.03 -20.54 12.32
CA TYR A 68 1.94 -21.47 12.13
C TYR A 68 2.45 -22.90 12.25
N PRO A 69 1.58 -23.86 12.54
CA PRO A 69 2.03 -25.24 12.68
C PRO A 69 2.60 -25.77 11.37
N PRO A 70 3.42 -26.83 11.42
CA PRO A 70 4.02 -27.41 10.22
C PRO A 70 3.03 -28.26 9.43
N HIS A 71 1.97 -27.62 8.96
CA HIS A 71 0.88 -28.30 8.29
C HIS A 71 0.85 -28.01 6.79
N PHE A 72 1.96 -27.49 6.27
CA PHE A 72 2.13 -27.12 4.87
C PHE A 72 3.61 -26.86 4.70
N LYS A 73 4.08 -27.02 3.47
CA LYS A 73 5.39 -26.53 3.07
C LYS A 73 5.18 -25.29 2.21
N TYR A 74 6.01 -24.27 2.43
CA TYR A 74 5.77 -22.92 1.93
C TYR A 74 6.93 -22.49 1.05
N VAL A 75 6.62 -22.04 -0.17
CA VAL A 75 7.59 -21.41 -1.06
C VAL A 75 7.08 -20.02 -1.42
N PRO A 76 7.62 -18.98 -0.81
CA PRO A 76 7.27 -17.60 -1.18
C PRO A 76 8.07 -17.18 -2.42
N ASN A 77 7.83 -15.95 -2.89
CA ASN A 77 8.70 -15.34 -3.88
C ASN A 77 8.66 -16.07 -5.23
N VAL A 78 7.51 -16.65 -5.58
CA VAL A 78 7.37 -17.48 -6.76
C VAL A 78 7.61 -16.69 -8.05
N ALA A 79 7.31 -15.39 -8.04
CA ALA A 79 7.56 -14.60 -9.25
C ALA A 79 9.04 -14.46 -9.56
N THR A 80 9.90 -14.61 -8.56
CA THR A 80 11.34 -14.56 -8.80
C THR A 80 11.88 -15.93 -9.20
N THR A 81 11.41 -16.99 -8.55
CA THR A 81 12.06 -18.29 -8.72
C THR A 81 11.41 -19.15 -9.79
N CYS A 82 10.25 -18.75 -10.31
CA CYS A 82 9.51 -19.56 -11.28
C CYS A 82 9.27 -18.75 -12.55
N PRO A 83 10.15 -18.87 -13.55
CA PRO A 83 9.95 -18.11 -14.80
C PRO A 83 8.62 -18.38 -15.47
N THR A 84 8.07 -19.59 -15.37
CA THR A 84 6.76 -19.83 -15.96
C THR A 84 5.69 -18.96 -15.31
N PHE A 85 5.79 -18.73 -13.99
CA PHE A 85 4.86 -17.81 -13.37
C PHE A 85 5.08 -16.39 -13.86
N ARG A 86 6.33 -15.93 -13.81
CA ARG A 86 6.63 -14.54 -14.12
CA ARG A 86 6.57 -14.52 -14.11
C ARG A 86 6.36 -14.20 -15.59
N ASN A 87 6.68 -15.12 -16.50
CA ASN A 87 6.59 -14.85 -17.93
C ASN A 87 5.28 -15.27 -18.58
N THR A 88 4.48 -16.12 -17.92
CA THR A 88 3.30 -16.68 -18.55
C THR A 88 2.06 -16.57 -17.66
N VAL A 89 2.09 -17.16 -16.47
CA VAL A 89 0.89 -17.16 -15.64
C VAL A 89 0.52 -15.75 -15.20
N LEU A 90 1.52 -14.98 -14.75
CA LEU A 90 1.27 -13.65 -14.21
C LEU A 90 0.67 -12.70 -15.23
N ILE A 91 0.86 -12.96 -16.52
CA ILE A 91 0.37 -12.07 -17.57
C ILE A 91 -0.78 -12.71 -18.35
N ASN A 92 -1.38 -13.76 -17.82
CA ASN A 92 -2.43 -14.46 -18.54
C ASN A 92 -3.58 -13.52 -18.92
N PRO A 93 -4.01 -13.50 -20.18
CA PRO A 93 -5.02 -12.50 -20.59
C PRO A 93 -6.38 -12.68 -19.95
N VAL A 94 -6.81 -13.90 -19.63
CA VAL A 94 -8.10 -14.08 -18.97
C VAL A 94 -8.03 -13.55 -17.54
N ILE A 95 -6.97 -13.90 -16.81
CA ILE A 95 -6.78 -13.35 -15.47
C ILE A 95 -6.84 -11.83 -15.49
N HIS A 96 -6.19 -11.21 -16.46
CA HIS A 96 -6.20 -9.74 -16.51
C HIS A 96 -7.54 -9.18 -16.96
N ALA A 97 -8.27 -9.89 -17.82
CA ALA A 97 -9.62 -9.44 -18.15
C ALA A 97 -10.49 -9.44 -16.90
N ILE A 98 -10.36 -10.48 -16.06
CA ILE A 98 -11.09 -10.53 -14.79
C ILE A 98 -10.68 -9.38 -13.90
N CYS A 99 -9.36 -9.20 -13.72
CA CYS A 99 -8.86 -8.13 -12.84
C CYS A 99 -9.32 -6.76 -13.33
N GLU A 100 -9.27 -6.53 -14.64
CA GLU A 100 -9.66 -5.22 -15.16
C GLU A 100 -11.14 -4.94 -14.88
N ALA A 101 -11.99 -5.95 -14.98
CA ALA A 101 -13.40 -5.75 -14.67
C ALA A 101 -13.60 -5.58 -13.16
N TYR A 102 -12.95 -6.44 -12.37
CA TYR A 102 -13.17 -6.44 -10.93
C TYR A 102 -12.63 -5.18 -10.27
N PHE A 103 -11.44 -4.73 -10.68
CA PHE A 103 -10.79 -3.57 -10.09
C PHE A 103 -11.14 -2.28 -10.81
N GLN A 104 -12.12 -2.30 -11.72
CA GLN A 104 -12.48 -1.11 -12.48
C GLN A 104 -12.68 0.11 -11.57
N ARG A 105 -13.45 -0.05 -10.50
CA ARG A 105 -13.78 1.10 -9.65
C ARG A 105 -12.59 1.60 -8.85
N THR A 106 -11.66 0.73 -8.46
CA THR A 106 -10.53 1.17 -7.63
C THR A 106 -9.36 1.68 -8.46
N GLY A 107 -9.26 1.31 -9.73
CA GLY A 107 -8.12 1.69 -10.54
C GLY A 107 -7.11 0.57 -10.70
N ASP A 108 -5.83 0.92 -10.77
CA ASP A 108 -4.82 -0.08 -11.07
C ASP A 108 -4.68 -1.07 -9.92
N TYR A 109 -4.23 -2.27 -10.28
CA TYR A 109 -3.95 -3.34 -9.35
C TYR A 109 -2.54 -3.87 -9.62
N TRP A 110 -2.01 -4.62 -8.65
CA TRP A 110 -0.71 -5.25 -8.79
C TRP A 110 -0.65 -6.51 -7.93
N LEU A 111 0.46 -7.21 -8.02
CA LEU A 111 0.62 -8.47 -7.31
C LEU A 111 1.10 -8.21 -5.89
N SER A 112 0.30 -8.63 -4.92
CA SER A 112 0.67 -8.49 -3.51
C SER A 112 1.49 -9.66 -3.00
N ALA A 113 1.23 -10.87 -3.50
CA ALA A 113 2.01 -12.04 -3.12
C ALA A 113 1.76 -13.13 -4.13
N ALA A 114 2.75 -14.00 -4.31
CA ALA A 114 2.54 -15.25 -5.04
C ALA A 114 3.36 -16.32 -4.34
N PHE A 115 2.69 -17.38 -3.88
CA PHE A 115 3.38 -18.40 -3.12
C PHE A 115 2.78 -19.76 -3.37
N LEU A 116 3.56 -20.79 -3.09
CA LEU A 116 3.11 -22.17 -3.11
C LEU A 116 2.90 -22.68 -1.69
N ARG A 117 1.84 -23.46 -1.51
CA ARG A 117 1.70 -24.37 -0.38
C ARG A 117 1.70 -25.78 -0.93
N GLU A 118 2.47 -26.66 -0.30
CA GLU A 118 2.42 -28.09 -0.60
C GLU A 118 1.99 -28.82 0.66
N ILE A 119 0.95 -29.64 0.55
CA ILE A 119 0.31 -30.28 1.70
C ILE A 119 0.37 -31.80 1.55
N GLU A 120 1.18 -32.45 2.37
CA GLU A 120 1.38 -33.89 2.26
C GLU A 120 0.37 -34.64 3.11
N SER A 121 0.26 -35.94 2.82
CA SER A 121 -0.62 -36.82 3.59
CA SER A 121 -0.62 -36.82 3.59
C SER A 121 -0.31 -36.73 5.08
N GLY A 122 -1.37 -36.66 5.88
CA GLY A 122 -1.25 -36.54 7.32
C GLY A 122 -1.38 -35.13 7.85
N MET A 123 -1.30 -34.13 6.98
CA MET A 123 -1.43 -32.75 7.44
CA MET A 123 -1.44 -32.74 7.43
C MET A 123 -2.91 -32.38 7.55
N PRO A 124 -3.33 -31.74 8.63
CA PRO A 124 -4.74 -31.36 8.79
C PRO A 124 -5.04 -30.06 8.03
N ALA A 125 -6.31 -29.68 8.06
CA ALA A 125 -6.81 -28.53 7.35
C ALA A 125 -6.22 -27.23 7.91
N GLN A 126 -6.23 -26.20 7.07
CA GLN A 126 -5.88 -24.83 7.39
C GLN A 126 -7.07 -24.16 8.06
N PRO A 127 -6.84 -23.24 9.01
CA PRO A 127 -7.97 -22.48 9.57
C PRO A 127 -8.66 -21.62 8.53
N PHE A 128 -9.98 -21.48 8.68
CA PHE A 128 -10.74 -20.56 7.85
C PHE A 128 -10.22 -19.14 8.03
N HIS A 129 -10.21 -18.40 6.92
CA HIS A 129 -9.73 -17.03 6.97
C HIS A 129 -10.25 -16.26 5.77
N ARG A 130 -10.06 -14.94 5.83
CA ARG A 130 -10.11 -14.08 4.66
C ARG A 130 -8.68 -13.67 4.35
N ASP A 131 -8.32 -13.68 3.06
CA ASP A 131 -7.02 -13.16 2.69
C ASP A 131 -6.91 -11.68 3.06
N ASP A 132 -8.06 -11.00 3.18
CA ASP A 132 -8.14 -9.59 3.57
C ASP A 132 -7.34 -9.26 4.81
N ALA A 133 -7.13 -10.24 5.70
CA ALA A 133 -6.42 -9.99 6.95
C ALA A 133 -5.00 -9.47 6.75
N THR A 134 -4.43 -9.58 5.53
CA THR A 134 -3.14 -8.94 5.29
C THR A 134 -3.21 -7.44 5.53
N HIS A 135 -4.35 -6.81 5.21
CA HIS A 135 -4.53 -5.37 5.29
C HIS A 135 -5.81 -5.14 6.09
N PRO A 136 -5.70 -5.07 7.42
CA PRO A 136 -6.89 -5.01 8.28
C PRO A 136 -7.87 -3.87 7.97
N LEU A 137 -7.44 -2.81 7.28
CA LEU A 137 -8.39 -1.77 6.90
C LEU A 137 -9.53 -2.32 6.04
N MET A 138 -9.31 -3.46 5.37
CA MET A 138 -10.36 -4.01 4.52
C MET A 138 -11.58 -4.43 5.33
N HIS A 139 -11.37 -4.76 6.60
CA HIS A 139 -12.49 -5.17 7.44
C HIS A 139 -13.53 -4.06 7.56
N TYR A 140 -13.08 -2.82 7.49
CA TYR A 140 -13.94 -1.65 7.66
C TYR A 140 -14.50 -1.12 6.35
N GLN A 141 -14.05 -1.64 5.21
CA GLN A 141 -14.58 -1.18 3.93
CA GLN A 141 -14.57 -1.18 3.94
C GLN A 141 -15.99 -1.70 3.74
N PRO A 142 -16.96 -0.84 3.40
CA PRO A 142 -18.33 -1.33 3.16
C PRO A 142 -18.36 -2.30 1.99
N LEU A 143 -19.34 -3.21 2.02
CA LEU A 143 -19.44 -4.23 0.97
C LEU A 143 -19.59 -3.60 -0.40
N GLU A 144 -20.25 -2.45 -0.49
CA GLU A 144 -20.51 -1.83 -1.78
C GLU A 144 -19.36 -0.96 -2.28
N ALA A 145 -18.31 -0.77 -1.48
CA ALA A 145 -17.17 0.04 -1.91
C ALA A 145 -16.36 -0.67 -3.00
N PRO A 146 -15.57 0.06 -3.77
CA PRO A 146 -14.73 -0.56 -4.80
C PRO A 146 -13.84 -1.64 -4.20
N PRO A 147 -13.89 -2.86 -4.72
CA PRO A 147 -13.02 -3.91 -4.16
C PRO A 147 -11.55 -3.58 -4.36
N VAL A 148 -10.73 -4.00 -3.39
CA VAL A 148 -9.30 -3.73 -3.40
C VAL A 148 -8.45 -4.99 -3.34
N SER A 149 -9.04 -6.19 -3.30
CA SER A 149 -8.26 -7.41 -3.22
CA SER A 149 -8.24 -7.40 -3.26
C SER A 149 -8.98 -8.54 -3.96
N LEU A 150 -8.21 -9.46 -4.54
CA LEU A 150 -8.74 -10.60 -5.28
C LEU A 150 -7.75 -11.74 -5.14
N SER A 151 -8.25 -12.94 -4.89
CA SER A 151 -7.38 -14.11 -4.72
C SER A 151 -7.54 -15.05 -5.91
N VAL A 152 -6.43 -15.41 -6.53
CA VAL A 152 -6.42 -16.24 -7.73
C VAL A 152 -5.64 -17.50 -7.37
N ILE A 153 -6.33 -18.63 -7.30
CA ILE A 153 -5.80 -19.84 -6.67
C ILE A 153 -5.63 -20.91 -7.74
N PHE A 154 -4.38 -21.32 -7.97
CA PHE A 154 -4.07 -22.29 -9.03
C PHE A 154 -3.79 -23.65 -8.43
N PRO A 155 -4.57 -24.68 -8.78
CA PRO A 155 -4.20 -26.05 -8.41
C PRO A 155 -3.08 -26.53 -9.33
N LEU A 156 -1.99 -27.02 -8.72
CA LEU A 156 -0.89 -27.60 -9.49
CA LEU A 156 -0.90 -27.59 -9.50
C LEU A 156 -0.87 -29.11 -9.41
N THR A 157 -1.75 -29.68 -8.59
CA THR A 157 -2.14 -31.08 -8.59
C THR A 157 -3.66 -31.09 -8.64
N GLU A 158 -4.24 -32.27 -8.79
CA GLU A 158 -5.67 -32.37 -8.58
C GLU A 158 -6.00 -31.94 -7.15
N PHE A 159 -7.19 -31.35 -7.00
CA PHE A 159 -7.79 -31.07 -5.70
C PHE A 159 -8.99 -32.00 -5.57
N THR A 160 -8.99 -32.84 -4.53
CA THR A 160 -10.08 -33.77 -4.27
C THR A 160 -10.56 -33.59 -2.84
N GLU A 161 -11.70 -34.20 -2.52
CA GLU A 161 -12.17 -34.18 -1.14
C GLU A 161 -11.15 -34.79 -0.21
N GLU A 162 -10.54 -35.91 -0.62
CA GLU A 162 -9.63 -36.62 0.26
C GLU A 162 -8.28 -35.93 0.40
N ASN A 163 -7.82 -35.18 -0.60
CA ASN A 163 -6.51 -34.54 -0.47
C ASN A 163 -6.59 -33.09 -0.01
N GLY A 164 -7.78 -32.56 0.21
CA GLY A 164 -7.93 -31.27 0.86
C GLY A 164 -8.22 -30.09 -0.04
N ALA A 165 -9.00 -30.31 -1.10
CA ALA A 165 -9.43 -29.23 -1.98
C ALA A 165 -9.89 -28.01 -1.20
N THR A 166 -9.50 -26.83 -1.69
CA THR A 166 -9.87 -25.58 -1.03
C THR A 166 -11.36 -25.55 -0.72
N GLU A 167 -11.67 -25.16 0.51
CA GLU A 167 -13.04 -25.04 0.98
C GLU A 167 -13.43 -23.57 0.97
N VAL A 168 -14.59 -23.26 0.40
CA VAL A 168 -15.05 -21.88 0.25
C VAL A 168 -16.46 -21.79 0.81
N ILE A 169 -16.70 -20.77 1.63
CA ILE A 169 -18.05 -20.54 2.16
C ILE A 169 -18.73 -19.51 1.25
N LEU A 170 -19.63 -19.98 0.39
CA LEU A 170 -20.31 -19.09 -0.54
C LEU A 170 -21.11 -18.05 0.21
N GLY A 171 -21.08 -16.82 -0.28
CA GLY A 171 -21.85 -15.75 0.33
C GLY A 171 -21.24 -15.13 1.55
N SER A 172 -20.09 -15.64 2.02
CA SER A 172 -19.52 -15.15 3.28
C SER A 172 -18.93 -13.75 3.16
N HIS A 173 -18.80 -13.21 1.94
CA HIS A 173 -18.43 -11.82 1.81
C HIS A 173 -19.52 -10.87 2.27
N ARG A 174 -20.73 -11.37 2.51
CA ARG A 174 -21.79 -10.56 3.08
C ARG A 174 -21.79 -10.57 4.61
N TRP A 175 -20.91 -11.34 5.24
CA TRP A 175 -20.79 -11.33 6.69
C TRP A 175 -19.87 -10.20 7.13
N THR A 176 -20.23 -9.53 8.23
CA THR A 176 -19.28 -8.59 8.81
C THR A 176 -18.06 -9.31 9.38
N GLU A 177 -18.29 -10.34 10.19
CA GLU A 177 -17.24 -11.07 10.88
C GLU A 177 -17.06 -12.46 10.30
N VAL A 178 -15.81 -12.95 10.35
CA VAL A 178 -15.55 -14.34 9.99
C VAL A 178 -16.31 -15.28 10.92
N GLY A 179 -16.28 -14.99 12.22
CA GLY A 179 -16.91 -15.88 13.17
C GLY A 179 -16.15 -17.18 13.31
N THR A 180 -16.87 -18.24 13.68
CA THR A 180 -16.31 -19.57 13.84
C THR A 180 -17.17 -20.57 13.08
N PRO A 181 -17.16 -20.52 11.75
CA PRO A 181 -18.03 -21.40 10.97
C PRO A 181 -17.57 -22.85 11.05
N GLU A 182 -18.52 -23.75 10.91
CA GLU A 182 -18.22 -25.17 10.83
C GLU A 182 -17.76 -25.51 9.42
N ARG A 183 -16.94 -26.57 9.31
CA ARG A 183 -16.42 -26.95 8.00
C ARG A 183 -17.54 -27.26 7.01
N ASP A 184 -18.67 -27.81 7.49
CA ASP A 184 -19.74 -28.17 6.59
C ASP A 184 -20.48 -26.97 6.00
N GLN A 185 -20.16 -25.75 6.43
CA GLN A 185 -20.69 -24.57 5.75
C GLN A 185 -20.02 -24.32 4.42
N ALA A 186 -18.84 -24.91 4.19
CA ALA A 186 -18.09 -24.68 2.98
C ALA A 186 -18.40 -25.73 1.93
N VAL A 187 -18.15 -25.37 0.67
CA VAL A 187 -18.14 -26.32 -0.44
C VAL A 187 -16.71 -26.44 -0.97
N LEU A 188 -16.48 -27.48 -1.76
CA LEU A 188 -15.13 -27.84 -2.18
C LEU A 188 -14.84 -27.36 -3.59
N ALA A 189 -13.67 -26.77 -3.78
CA ALA A 189 -13.14 -26.44 -5.10
C ALA A 189 -12.33 -27.62 -5.64
N THR A 190 -13.04 -28.72 -5.89
CA THR A 190 -12.41 -29.84 -6.58
C THR A 190 -12.08 -29.41 -8.01
N MET A 191 -10.86 -29.70 -8.46
CA MET A 191 -10.30 -29.12 -9.68
C MET A 191 -9.18 -30.02 -10.15
N ASP A 192 -8.78 -29.81 -11.40
CA ASP A 192 -7.62 -30.45 -12.00
C ASP A 192 -6.58 -29.40 -12.34
N PRO A 193 -5.30 -29.77 -12.44
CA PRO A 193 -4.29 -28.79 -12.83
C PRO A 193 -4.67 -28.15 -14.16
N GLY A 194 -4.44 -26.85 -14.25
CA GLY A 194 -4.91 -26.05 -15.36
C GLY A 194 -6.13 -25.22 -15.04
N ASP A 195 -6.92 -25.64 -14.06
CA ASP A 195 -8.06 -24.85 -13.60
C ASP A 195 -7.57 -23.68 -12.74
N VAL A 196 -8.49 -22.78 -12.38
CA VAL A 196 -8.22 -21.68 -11.46
CA VAL A 196 -8.20 -21.74 -11.42
C VAL A 196 -9.47 -21.45 -10.62
N LEU A 197 -9.27 -21.19 -9.32
CA LEU A 197 -10.32 -20.77 -8.42
C LEU A 197 -10.15 -19.27 -8.13
N ILE A 198 -11.19 -18.49 -8.38
CA ILE A 198 -11.15 -17.04 -8.15
C ILE A 198 -12.01 -16.74 -6.94
N VAL A 199 -11.45 -16.06 -5.94
CA VAL A 199 -12.12 -15.80 -4.67
C VAL A 199 -12.12 -14.29 -4.41
N ARG A 200 -13.32 -13.72 -4.28
CA ARG A 200 -13.55 -12.31 -4.04
C ARG A 200 -13.01 -11.90 -2.67
N GLN A 201 -12.70 -10.60 -2.54
CA GLN A 201 -12.46 -9.99 -1.25
C GLN A 201 -13.54 -10.38 -0.25
N ARG A 202 -13.15 -10.64 0.99
CA ARG A 202 -14.02 -10.87 2.14
C ARG A 202 -14.62 -12.28 2.19
N VAL A 203 -14.25 -13.18 1.27
CA VAL A 203 -14.81 -14.53 1.24
C VAL A 203 -13.98 -15.44 2.14
N VAL A 204 -14.66 -16.15 3.03
CA VAL A 204 -14.00 -17.04 3.98
C VAL A 204 -13.70 -18.37 3.28
N HIS A 205 -12.47 -18.86 3.45
CA HIS A 205 -12.03 -20.06 2.77
C HIS A 205 -10.85 -20.65 3.52
N ALA A 206 -10.43 -21.86 3.11
CA ALA A 206 -9.32 -22.55 3.76
C ALA A 206 -8.92 -23.77 2.96
N GLY A 207 -7.62 -24.08 2.98
CA GLY A 207 -7.19 -25.39 2.52
C GLY A 207 -7.67 -26.49 3.45
N GLY A 208 -7.86 -27.67 2.88
CA GLY A 208 -8.31 -28.82 3.63
C GLY A 208 -7.15 -29.73 4.06
N GLY A 209 -7.49 -30.75 4.83
CA GLY A 209 -6.50 -31.72 5.24
C GLY A 209 -6.26 -32.75 4.15
N ASN A 210 -5.06 -33.32 4.14
CA ASN A 210 -4.73 -34.37 3.19
C ASN A 210 -4.78 -35.71 3.90
N ARG A 211 -5.84 -36.47 3.62
CA ARG A 211 -6.08 -37.77 4.25
C ARG A 211 -5.71 -38.94 3.35
N THR A 212 -5.15 -38.69 2.17
CA THR A 212 -4.84 -39.77 1.25
C THR A 212 -3.64 -40.56 1.75
N THR A 213 -3.48 -41.76 1.19
CA THR A 213 -2.27 -42.54 1.41
C THR A 213 -1.61 -42.91 0.09
N ALA A 214 -1.98 -42.22 -0.99
CA ALA A 214 -1.36 -42.34 -2.30
C ALA A 214 -1.51 -41.01 -3.02
N GLY A 215 -0.63 -40.77 -3.99
CA GLY A 215 -0.67 -39.56 -4.78
C GLY A 215 0.30 -38.50 -4.28
N LYS A 216 0.62 -37.58 -5.19
CA LYS A 216 1.53 -36.49 -4.86
C LYS A 216 0.90 -35.58 -3.81
N PRO A 217 1.70 -34.92 -2.98
CA PRO A 217 1.15 -33.92 -2.06
C PRO A 217 0.40 -32.84 -2.84
N ARG A 218 -0.70 -32.37 -2.26
CA ARG A 218 -1.48 -31.33 -2.91
C ARG A 218 -0.65 -30.05 -3.06
N ARG A 219 -0.71 -29.44 -4.24
CA ARG A 219 0.01 -28.20 -4.49
C ARG A 219 -0.95 -27.10 -4.90
N VAL A 220 -0.83 -25.95 -4.24
CA VAL A 220 -1.69 -24.80 -4.53
C VAL A 220 -0.81 -23.56 -4.59
N VAL A 221 -0.99 -22.75 -5.63
CA VAL A 221 -0.33 -21.45 -5.73
C VAL A 221 -1.39 -20.37 -5.58
N LEU A 222 -1.16 -19.44 -4.66
CA LEU A 222 -1.98 -18.23 -4.55
C LEU A 222 -1.26 -17.10 -5.25
N ALA A 223 -1.96 -16.45 -6.18
CA ALA A 223 -1.57 -15.15 -6.71
C ALA A 223 -2.57 -14.15 -6.14
N TYR A 224 -2.10 -13.32 -5.23
CA TYR A 224 -2.95 -12.38 -4.48
C TYR A 224 -2.78 -11.01 -5.11
N PHE A 225 -3.84 -10.48 -5.69
CA PHE A 225 -3.80 -9.18 -6.34
C PHE A 225 -4.48 -8.14 -5.45
N ASN A 226 -3.90 -6.94 -5.39
CA ASN A 226 -4.47 -5.86 -4.62
C ASN A 226 -4.51 -4.61 -5.48
N SER A 227 -5.43 -3.71 -5.16
CA SER A 227 -5.30 -2.32 -5.62
C SER A 227 -3.88 -1.82 -5.35
N VAL A 228 -3.35 -1.00 -6.26
CA VAL A 228 -2.04 -0.38 -6.05
C VAL A 228 -2.04 0.57 -4.87
N GLN A 229 -3.21 0.91 -4.33
CA GLN A 229 -3.27 1.67 -3.10
C GLN A 229 -2.75 0.89 -1.90
N LEU A 230 -2.72 -0.44 -2.00
CA LEU A 230 -2.33 -1.31 -0.89
C LEU A 230 -0.90 -1.80 -1.06
N THR A 231 -0.13 -1.73 0.01
CA THR A 231 1.27 -2.14 0.01
C THR A 231 1.39 -3.63 -0.26
N PRO A 232 2.23 -4.07 -1.20
CA PRO A 232 2.40 -5.50 -1.42
C PRO A 232 2.90 -6.21 -0.16
N PHE A 233 2.26 -7.34 0.14
CA PHE A 233 2.73 -8.21 1.22
C PHE A 233 4.18 -8.60 0.99
N GLU A 234 4.51 -9.07 -0.21
CA GLU A 234 5.87 -9.37 -0.64
C GLU A 234 6.36 -8.27 -1.55
N THR A 235 7.61 -7.83 -1.37
CA THR A 235 8.21 -6.86 -2.26
C THR A 235 9.16 -7.53 -3.25
N TYR A 236 9.03 -7.15 -4.53
CA TYR A 236 9.92 -7.64 -5.57
CA TYR A 236 9.91 -7.63 -5.58
C TYR A 236 11.02 -6.64 -5.90
N ARG A 237 11.26 -5.69 -5.00
CA ARG A 237 12.22 -4.63 -5.24
C ARG A 237 13.67 -5.10 -5.27
N THR A 238 13.97 -6.31 -4.79
CA THR A 238 15.33 -6.82 -4.86
C THR A 238 15.57 -7.72 -6.06
N MET A 239 14.59 -7.88 -6.94
CA MET A 239 14.82 -8.63 -8.16
CA MET A 239 14.81 -8.62 -8.17
C MET A 239 15.93 -7.95 -8.97
N PRO A 240 16.87 -8.71 -9.52
CA PRO A 240 17.95 -8.07 -10.30
C PRO A 240 17.37 -7.32 -11.48
N ARG A 241 18.01 -6.18 -11.81
CA ARG A 241 17.55 -5.39 -12.96
C ARG A 241 17.48 -6.24 -14.22
N GLU A 242 18.47 -7.10 -14.43
CA GLU A 242 18.47 -7.98 -15.58
C GLU A 242 17.18 -8.79 -15.66
N MET A 243 16.70 -9.29 -14.52
CA MET A 243 15.47 -10.08 -14.53
C MET A 243 14.25 -9.18 -14.75
N VAL A 244 14.22 -8.02 -14.10
CA VAL A 244 13.11 -7.07 -14.31
C VAL A 244 12.97 -6.75 -15.80
N GLU A 245 14.09 -6.42 -16.44
CA GLU A 245 14.05 -5.97 -17.83
C GLU A 245 13.72 -7.09 -18.80
N SER A 246 13.83 -8.35 -18.38
CA SER A 246 13.40 -9.48 -19.20
C SER A 246 11.89 -9.68 -19.18
N MET A 247 11.17 -8.98 -18.30
CA MET A 247 9.72 -9.08 -18.24
C MET A 247 9.07 -8.10 -19.20
N THR A 248 7.80 -8.35 -19.51
CA THR A 248 7.01 -7.38 -20.25
C THR A 248 6.64 -6.21 -19.34
N VAL A 249 6.14 -5.15 -19.97
CA VAL A 249 5.66 -4.00 -19.20
C VAL A 249 4.61 -4.43 -18.19
N LEU A 250 3.67 -5.29 -18.61
CA LEU A 250 2.62 -5.72 -17.70
C LEU A 250 3.20 -6.44 -16.49
N GLY A 251 4.19 -7.32 -16.72
CA GLY A 251 4.83 -7.99 -15.60
C GLY A 251 5.53 -7.04 -14.66
N GLN A 252 6.25 -6.05 -15.22
CA GLN A 252 6.89 -5.04 -14.38
C GLN A 252 5.88 -4.26 -13.56
N ARG A 253 4.74 -3.92 -14.18
CA ARG A 253 3.69 -3.23 -13.45
C ARG A 253 3.16 -4.07 -12.31
N MET A 254 2.95 -5.37 -12.55
CA MET A 254 2.46 -6.25 -11.49
C MET A 254 3.44 -6.35 -10.33
N LEU A 255 4.74 -6.30 -10.62
CA LEU A 255 5.74 -6.55 -9.59
C LEU A 255 6.24 -5.28 -8.91
N GLY A 256 5.60 -4.13 -9.14
CA GLY A 256 5.91 -2.95 -8.36
C GLY A 256 7.02 -2.08 -8.91
N TRP A 257 7.50 -2.35 -10.12
CA TRP A 257 8.62 -1.65 -10.73
C TRP A 257 8.22 -0.43 -11.55
N ARG A 258 6.93 -0.11 -11.59
CA ARG A 258 6.45 1.04 -12.36
C ARG A 258 5.52 1.90 -11.52
N THR A 259 5.43 3.17 -11.90
CA THR A 259 4.41 4.05 -11.33
C THR A 259 3.03 3.57 -11.78
N MET A 260 2.05 3.62 -10.87
CA MET A 260 0.71 3.11 -11.12
C MET A 260 -0.32 4.19 -10.84
N LYS A 261 -1.59 3.89 -11.11
CA LYS A 261 -2.65 4.89 -11.14
C LYS A 261 -3.87 4.39 -10.36
N PRO A 262 -4.05 4.83 -9.11
CA PRO A 262 -5.34 4.64 -8.45
C PRO A 262 -6.42 5.41 -9.20
N SER A 263 -7.68 5.15 -8.83
CA SER A 263 -8.79 5.83 -9.46
C SER A 263 -8.75 7.33 -9.20
N ASP A 264 -9.52 8.06 -10.00
CA ASP A 264 -9.90 9.42 -9.61
C ASP A 264 -10.43 9.36 -8.19
N PRO A 265 -10.19 10.40 -7.36
CA PRO A 265 -9.63 11.71 -7.72
C PRO A 265 -8.10 11.83 -7.71
N ASN A 266 -7.36 10.74 -7.58
CA ASN A 266 -5.91 10.81 -7.74
C ASN A 266 -5.60 10.81 -9.23
N ILE A 267 -5.23 11.98 -9.77
CA ILE A 267 -4.88 12.10 -11.18
C ILE A 267 -3.37 12.08 -11.40
N VAL A 268 -2.59 11.94 -10.33
CA VAL A 268 -1.13 12.00 -10.40
C VAL A 268 -0.51 10.62 -10.50
N GLY A 269 -0.87 9.71 -9.59
CA GLY A 269 -0.32 8.39 -9.56
C GLY A 269 0.10 7.99 -8.16
N ILE A 270 0.84 6.89 -8.10
CA ILE A 270 1.35 6.34 -6.85
C ILE A 270 2.62 5.58 -7.20
N ASN A 271 3.53 5.44 -6.24
CA ASN A 271 4.79 4.75 -6.49
C ASN A 271 5.64 5.51 -7.51
N LEU A 272 5.83 6.80 -7.26
CA LEU A 272 6.58 7.69 -8.12
C LEU A 272 7.76 8.27 -7.33
N ILE A 273 8.68 8.93 -8.03
CA ILE A 273 9.81 9.57 -7.36
C ILE A 273 10.33 10.69 -8.26
N ASP A 274 10.81 11.77 -7.64
CA ASP A 274 11.28 12.94 -8.38
C ASP A 274 10.19 13.55 -9.24
N ASP A 275 8.92 13.37 -8.83
CA ASP A 275 7.76 13.81 -9.62
C ASP A 275 7.76 13.18 -11.02
N LYS A 276 8.32 11.98 -11.12
CA LYS A 276 8.46 11.26 -12.38
C LYS A 276 8.05 9.80 -12.20
N ARG A 277 7.81 9.13 -13.32
CA ARG A 277 7.52 7.71 -13.26
C ARG A 277 8.77 6.95 -12.85
N LEU A 278 8.57 5.97 -11.95
CA LEU A 278 9.68 5.17 -11.45
C LEU A 278 10.48 4.54 -12.58
N GLU A 279 9.79 4.00 -13.59
CA GLU A 279 10.48 3.33 -14.68
C GLU A 279 11.27 4.33 -15.53
N ASN A 280 10.87 5.59 -15.56
CA ASN A 280 11.66 6.60 -16.24
C ASN A 280 12.90 6.99 -15.44
N VAL A 281 12.76 7.16 -14.13
CA VAL A 281 13.92 7.44 -13.29
C VAL A 281 14.94 6.31 -13.37
N LEU A 282 14.46 5.06 -13.40
CA LEU A 282 15.34 3.90 -13.50
C LEU A 282 15.76 3.61 -14.93
N GLN A 283 15.19 4.27 -15.93
CA GLN A 283 15.45 3.97 -17.34
C GLN A 283 15.26 2.48 -17.63
N LEU A 284 14.12 1.95 -17.21
CA LEU A 284 13.86 0.52 -17.31
C LEU A 284 13.53 0.13 -18.74
N LYS A 285 14.25 -0.86 -19.26
CA LYS A 285 13.83 -1.53 -20.48
C LYS A 285 12.81 -2.61 -20.15
N ALA A 286 12.11 -3.09 -21.18
CA ALA A 286 11.17 -4.18 -21.02
C ALA A 286 11.21 -5.04 -22.28
N ALA A 287 10.80 -6.30 -22.13
CA ALA A 287 10.87 -7.25 -23.23
C ALA A 287 10.01 -6.82 -24.40
N ASP A 288 8.90 -6.14 -24.14
CA ASP A 288 8.00 -5.68 -25.20
C ASP A 288 8.04 -4.17 -25.40
N SER A 289 9.12 -3.53 -25.00
CA SER A 289 9.33 -2.11 -25.29
C SER A 289 10.34 -1.94 -26.41
N SER B 5 -14.91 35.95 15.62
CA SER B 5 -15.31 35.13 14.49
C SER B 5 -15.53 33.67 14.88
N LYS B 6 -15.18 32.75 13.97
CA LYS B 6 -15.45 31.34 14.14
C LYS B 6 -14.48 30.72 15.15
N PRO B 7 -14.79 29.53 15.66
CA PRO B 7 -13.80 28.80 16.46
C PRO B 7 -12.52 28.61 15.66
N GLN B 8 -11.39 28.82 16.32
CA GLN B 8 -10.09 28.81 15.68
C GLN B 8 -9.35 27.52 15.99
N LEU B 9 -8.31 27.25 15.20
CA LEU B 9 -7.43 26.15 15.53
C LEU B 9 -6.86 26.34 16.93
N GLN B 10 -6.83 25.26 17.70
CA GLN B 10 -6.23 25.31 19.02
C GLN B 10 -4.72 25.16 18.90
N ARG B 11 -4.00 25.98 19.65
CA ARG B 11 -2.55 25.91 19.75
C ARG B 11 -2.16 25.26 21.07
N LEU B 12 -1.13 24.42 21.02
CA LEU B 12 -0.54 23.80 22.20
C LEU B 12 0.96 23.99 22.13
N ALA B 13 1.59 24.01 23.31
CA ALA B 13 3.05 24.01 23.36
C ALA B 13 3.59 22.67 22.90
N ALA B 14 4.86 22.68 22.48
CA ALA B 14 5.49 21.47 21.96
C ALA B 14 5.60 20.36 23.01
N ASP B 15 5.52 20.69 24.29
CA ASP B 15 5.61 19.70 25.35
C ASP B 15 4.26 19.24 25.88
N ALA B 16 3.16 19.61 25.24
CA ALA B 16 1.85 19.16 25.69
C ALA B 16 1.72 17.64 25.57
N ASP B 17 0.77 17.07 26.31
CA ASP B 17 0.57 15.62 26.27
C ASP B 17 -0.20 15.21 25.02
N VAL B 18 0.12 14.02 24.52
CA VAL B 18 -0.49 13.56 23.29
C VAL B 18 -1.99 13.33 23.44
N ASP B 19 -2.50 13.09 24.66
CA ASP B 19 -3.93 12.83 24.81
C ASP B 19 -4.78 14.03 24.40
N ARG B 20 -4.36 15.24 24.74
CA ARG B 20 -5.13 16.40 24.32
C ARG B 20 -5.01 16.61 22.82
N MET B 21 -3.85 16.31 22.24
CA MET B 21 -3.68 16.38 20.80
C MET B 21 -4.66 15.44 20.10
N CYS B 22 -4.80 14.22 20.59
CA CYS B 22 -5.76 13.29 20.00
C CYS B 22 -7.19 13.80 20.12
N ARG B 23 -7.55 14.35 21.28
CA ARG B 23 -8.89 14.86 21.46
C ARG B 23 -9.18 15.95 20.44
N LEU B 24 -8.21 16.82 20.19
CA LEU B 24 -8.40 17.88 19.22
C LEU B 24 -8.54 17.33 17.81
N LEU B 25 -7.77 16.28 17.47
CA LEU B 25 -7.92 15.69 16.14
C LEU B 25 -9.31 15.10 15.96
N GLU B 26 -9.83 14.45 16.99
CA GLU B 26 -11.16 13.86 16.85
C GLU B 26 -12.25 14.93 16.84
N GLU B 27 -12.09 15.98 17.63
CA GLU B 27 -13.13 17.02 17.70
C GLU B 27 -13.01 18.00 16.55
N ASP B 28 -11.88 18.69 16.43
CA ASP B 28 -11.72 19.73 15.43
C ASP B 28 -11.16 19.22 14.11
N GLY B 29 -10.35 18.16 14.14
CA GLY B 29 -9.69 17.65 12.96
C GLY B 29 -8.27 18.13 12.79
N ALA B 30 -7.79 19.04 13.65
CA ALA B 30 -6.48 19.65 13.44
C ALA B 30 -6.11 20.44 14.69
N PHE B 31 -4.82 20.68 14.85
CA PHE B 31 -4.31 21.56 15.91
C PHE B 31 -2.91 22.00 15.51
N ILE B 32 -2.38 22.98 16.26
CA ILE B 32 -1.06 23.55 16.00
C ILE B 32 -0.19 23.33 17.24
N LEU B 33 1.04 22.87 17.02
CA LEU B 33 2.06 22.83 18.06
C LEU B 33 3.01 24.01 17.88
N LYS B 34 3.31 24.69 18.98
CA LYS B 34 4.15 25.87 18.96
C LYS B 34 5.58 25.51 19.33
N GLY B 35 6.53 25.95 18.50
CA GLY B 35 7.93 25.89 18.85
C GLY B 35 8.49 24.48 18.93
N LEU B 36 8.10 23.61 18.01
CA LEU B 36 8.63 22.26 18.02
C LEU B 36 10.06 22.21 17.49
N LEU B 37 10.30 22.81 16.33
CA LEU B 37 11.65 22.72 15.77
C LEU B 37 12.46 23.94 16.16
N PRO B 38 13.70 23.77 16.62
CA PRO B 38 14.52 24.94 16.94
C PRO B 38 14.91 25.72 15.69
N PHE B 39 15.28 26.98 15.94
CA PHE B 39 15.62 27.90 14.86
C PHE B 39 16.71 27.33 13.94
N ASP B 40 17.73 26.69 14.52
CA ASP B 40 18.83 26.20 13.70
C ASP B 40 18.40 25.06 12.79
N VAL B 41 17.45 24.24 13.24
CA VAL B 41 16.94 23.15 12.41
C VAL B 41 16.16 23.70 11.23
N VAL B 42 15.28 24.67 11.48
CA VAL B 42 14.56 25.34 10.40
C VAL B 42 15.55 25.97 9.42
N GLU B 43 16.58 26.63 9.94
CA GLU B 43 17.56 27.29 9.08
CA GLU B 43 17.56 27.29 9.08
C GLU B 43 18.29 26.28 8.20
N SER B 44 18.74 25.17 8.79
CA SER B 44 19.47 24.18 8.02
CA SER B 44 19.49 24.20 8.00
C SER B 44 18.59 23.54 6.95
N PHE B 45 17.34 23.26 7.29
CA PHE B 45 16.41 22.69 6.32
C PHE B 45 16.19 23.67 5.17
N ASN B 46 15.98 24.94 5.49
CA ASN B 46 15.80 25.95 4.44
C ASN B 46 17.04 26.07 3.55
N ARG B 47 18.24 25.95 4.12
CA ARG B 47 19.44 26.04 3.31
CA ARG B 47 19.47 26.02 3.34
C ARG B 47 19.55 24.87 2.34
N GLU B 48 19.13 23.68 2.76
CA GLU B 48 19.15 22.53 1.87
C GLU B 48 18.09 22.68 0.78
N LEU B 49 16.92 23.22 1.14
CA LEU B 49 15.89 23.47 0.15
C LEU B 49 16.28 24.57 -0.84
N ASP B 50 17.03 25.58 -0.38
CA ASP B 50 17.53 26.62 -1.27
C ASP B 50 18.34 26.01 -2.41
N VAL B 51 19.17 25.01 -2.10
CA VAL B 51 19.95 24.34 -3.13
C VAL B 51 19.03 23.70 -4.16
N GLN B 52 17.99 23.00 -3.69
CA GLN B 52 17.07 22.36 -4.62
C GLN B 52 16.28 23.37 -5.44
N MET B 53 15.98 24.54 -4.87
CA MET B 53 15.29 25.58 -5.62
C MET B 53 16.20 26.27 -6.63
N ALA B 54 17.51 26.10 -6.52
CA ALA B 54 18.48 26.81 -7.36
C ALA B 54 19.06 25.99 -8.48
N ILE B 55 19.00 24.67 -8.41
CA ILE B 55 19.54 23.82 -9.47
C ILE B 55 18.66 24.00 -10.71
N PRO B 56 19.12 23.65 -11.90
CA PRO B 56 18.27 23.77 -13.10
C PRO B 56 16.95 23.06 -12.90
N PRO B 57 15.86 23.65 -13.40
CA PRO B 57 14.53 23.06 -13.18
C PRO B 57 14.40 21.73 -13.89
N PRO B 58 13.44 20.89 -13.50
CA PRO B 58 13.27 19.61 -14.19
C PRO B 58 12.77 19.82 -15.61
N LYS B 59 13.27 18.99 -16.50
CA LYS B 59 12.79 18.94 -17.88
C LYS B 59 12.12 17.60 -18.12
N GLY B 60 11.15 17.59 -19.02
CA GLY B 60 10.36 16.40 -19.24
C GLY B 60 9.17 16.35 -18.31
N GLU B 61 8.63 15.14 -18.17
CA GLU B 61 7.38 14.94 -17.46
C GLU B 61 7.53 15.29 -15.97
N ARG B 62 6.54 16.01 -15.45
CA ARG B 62 6.40 16.26 -14.02
C ARG B 62 4.97 15.86 -13.66
N LEU B 63 4.81 14.72 -12.97
CA LEU B 63 3.50 14.10 -12.86
C LEU B 63 2.49 15.00 -12.14
N LEU B 64 2.92 15.67 -11.07
CA LEU B 64 2.01 16.57 -10.39
C LEU B 64 2.13 17.98 -10.96
N ALA B 65 3.36 18.48 -11.11
CA ALA B 65 3.54 19.88 -11.48
C ALA B 65 2.97 20.21 -12.86
N ASP B 66 3.03 19.27 -13.81
CA ASP B 66 2.50 19.55 -15.15
C ASP B 66 0.99 19.68 -15.16
N LYS B 67 0.30 19.12 -14.19
CA LYS B 67 -1.15 19.03 -14.27
C LYS B 67 -1.85 20.23 -13.65
N TYR B 68 -1.25 20.85 -12.67
CA TYR B 68 -1.84 21.94 -11.92
C TYR B 68 -1.25 23.28 -12.36
N PRO B 69 -1.97 24.37 -12.15
CA PRO B 69 -1.44 25.67 -12.57
C PRO B 69 -0.16 26.01 -11.84
N PRO B 70 0.66 26.91 -12.40
CA PRO B 70 1.98 27.23 -11.80
C PRO B 70 1.84 28.21 -10.63
N HIS B 71 1.13 27.77 -9.60
CA HIS B 71 0.79 28.61 -8.46
C HIS B 71 1.57 28.22 -7.21
N PHE B 72 2.63 27.46 -7.42
CA PHE B 72 3.52 26.98 -6.36
C PHE B 72 4.76 26.48 -7.07
N LYS B 73 5.89 26.54 -6.36
CA LYS B 73 7.10 25.86 -6.77
C LYS B 73 7.24 24.61 -5.89
N TYR B 74 7.68 23.52 -6.50
CA TYR B 74 7.55 22.19 -5.93
C TYR B 74 8.91 21.53 -5.85
N VAL B 75 9.29 21.08 -4.65
CA VAL B 75 10.42 20.18 -4.48
C VAL B 75 9.90 18.87 -3.92
N PRO B 76 9.79 17.84 -4.75
CA PRO B 76 9.24 16.56 -4.28
C PRO B 76 10.28 15.79 -3.47
N ASN B 77 9.77 14.86 -2.68
CA ASN B 77 10.58 13.87 -1.97
C ASN B 77 11.84 14.47 -1.32
N VAL B 78 11.61 15.48 -0.47
CA VAL B 78 12.71 16.18 0.18
C VAL B 78 13.62 15.28 0.99
N ALA B 79 13.15 14.10 1.42
CA ALA B 79 14.03 13.20 2.15
C ALA B 79 15.26 12.81 1.34
N THR B 80 15.18 12.83 0.01
CA THR B 80 16.31 12.38 -0.79
C THR B 80 17.37 13.46 -1.01
N THR B 81 17.08 14.72 -0.70
CA THR B 81 18.01 15.82 -0.92
C THR B 81 18.26 16.69 0.30
N CYS B 82 17.57 16.45 1.41
CA CYS B 82 17.66 17.33 2.58
C CYS B 82 18.02 16.52 3.82
N PRO B 83 19.32 16.41 4.13
CA PRO B 83 19.73 15.64 5.32
C PRO B 83 19.06 16.08 6.61
N THR B 84 18.81 17.39 6.79
CA THR B 84 18.12 17.82 8.01
C THR B 84 16.75 17.17 8.14
N PHE B 85 16.06 16.98 7.02
CA PHE B 85 14.80 16.26 7.08
C PHE B 85 15.00 14.81 7.52
N ARG B 86 15.92 14.09 6.86
CA ARG B 86 16.13 12.68 7.19
C ARG B 86 16.60 12.48 8.61
N ASN B 87 17.53 13.32 9.06
CA ASN B 87 18.25 13.05 10.29
C ASN B 87 17.63 13.71 11.51
N THR B 88 16.72 14.66 11.31
CA THR B 88 16.21 15.44 12.43
C THR B 88 14.68 15.55 12.37
N VAL B 89 14.15 16.15 11.31
CA VAL B 89 12.72 16.40 11.26
C VAL B 89 11.93 15.09 11.22
N LEU B 90 12.36 14.15 10.37
CA LEU B 90 11.59 12.94 10.11
C LEU B 90 11.51 12.07 11.36
N ILE B 91 12.48 12.18 12.25
CA ILE B 91 12.55 11.33 13.45
C ILE B 91 12.21 12.11 14.71
N ASN B 92 11.56 13.26 14.58
CA ASN B 92 11.27 14.08 15.74
C ASN B 92 10.44 13.31 16.77
N PRO B 93 10.83 13.28 18.05
CA PRO B 93 10.13 12.43 19.01
C PRO B 93 8.70 12.84 19.28
N VAL B 94 8.36 14.13 19.23
CA VAL B 94 6.98 14.53 19.45
C VAL B 94 6.10 14.08 18.29
N ILE B 95 6.56 14.28 17.05
CA ILE B 95 5.82 13.79 15.90
C ILE B 95 5.55 12.29 16.03
N HIS B 96 6.55 11.53 16.48
CA HIS B 96 6.33 10.09 16.58
C HIS B 96 5.45 9.71 17.76
N ALA B 97 5.49 10.47 18.85
CA ALA B 97 4.52 10.23 19.92
C ALA B 97 3.09 10.42 19.42
N ILE B 98 2.84 11.48 18.65
CA ILE B 98 1.53 11.70 18.05
C ILE B 98 1.17 10.55 17.12
N CYS B 99 2.10 10.17 16.24
CA CYS B 99 1.81 9.10 15.30
C CYS B 99 1.51 7.79 16.01
N GLU B 100 2.29 7.45 17.04
CA GLU B 100 2.06 6.20 17.75
C GLU B 100 0.68 6.18 18.40
N ALA B 101 0.26 7.30 18.98
CA ALA B 101 -1.07 7.35 19.59
C ALA B 101 -2.17 7.30 18.54
N TYR B 102 -2.00 8.06 17.47
CA TYR B 102 -3.03 8.19 16.44
C TYR B 102 -3.19 6.91 15.63
N PHE B 103 -2.07 6.25 15.32
CA PHE B 103 -2.08 5.03 14.51
C PHE B 103 -2.15 3.76 15.35
N GLN B 104 -2.36 3.86 16.66
CA GLN B 104 -2.33 2.68 17.53
C GLN B 104 -3.24 1.58 17.00
N ARG B 105 -4.46 1.95 16.60
CA ARG B 105 -5.43 0.95 16.15
C ARG B 105 -5.04 0.30 14.81
N THR B 106 -4.42 1.06 13.89
N THR B 106 -4.39 1.06 13.94
CA THR B 106 -4.08 0.49 12.58
CA THR B 106 -4.06 0.59 12.60
C THR B 106 -2.74 -0.21 12.54
C THR B 106 -2.76 -0.21 12.57
N GLY B 107 -1.86 0.05 13.51
CA GLY B 107 -0.55 -0.60 13.51
C GLY B 107 0.53 0.34 13.01
N ASP B 108 1.56 -0.19 12.36
CA ASP B 108 2.69 0.63 11.94
C ASP B 108 2.28 1.65 10.88
N TYR B 109 3.05 2.74 10.84
CA TYR B 109 2.88 3.82 9.88
C TYR B 109 4.24 4.09 9.24
N TRP B 110 4.21 4.79 8.11
CA TRP B 110 5.44 5.21 7.42
C TRP B 110 5.18 6.48 6.64
N LEU B 111 6.24 7.00 6.04
CA LEU B 111 6.15 8.25 5.28
C LEU B 111 5.68 7.97 3.85
N SER B 112 4.50 8.49 3.52
CA SER B 112 3.98 8.35 2.17
C SER B 112 4.54 9.39 1.21
N ALA B 113 4.80 10.60 1.71
CA ALA B 113 5.40 11.65 0.90
C ALA B 113 5.91 12.74 1.84
N ALA B 114 6.90 13.48 1.38
CA ALA B 114 7.23 14.74 2.04
C ALA B 114 7.81 15.67 0.98
N PHE B 115 7.24 16.86 0.87
CA PHE B 115 7.61 17.77 -0.20
C PHE B 115 7.50 19.21 0.27
N LEU B 116 8.16 20.09 -0.47
CA LEU B 116 8.08 21.53 -0.29
C LEU B 116 7.17 22.15 -1.34
N ARG B 117 6.33 23.08 -0.90
CA ARG B 117 5.72 24.08 -1.76
C ARG B 117 6.27 25.43 -1.37
N GLU B 118 6.70 26.22 -2.37
CA GLU B 118 7.07 27.61 -2.16
C GLU B 118 6.10 28.47 -2.96
N ILE B 119 5.42 29.40 -2.29
CA ILE B 119 4.37 30.19 -2.92
C ILE B 119 4.84 31.63 -2.98
N GLU B 120 5.11 32.10 -4.20
CA GLU B 120 5.63 33.45 -4.36
C GLU B 120 4.50 34.47 -4.31
N SER B 121 4.88 35.72 -4.11
CA SER B 121 3.93 36.82 -4.10
C SER B 121 3.08 36.80 -5.36
N GLY B 122 1.77 36.97 -5.20
CA GLY B 122 0.86 37.02 -6.31
C GLY B 122 0.21 35.71 -6.70
N MET B 123 0.64 34.59 -6.13
CA MET B 123 -0.01 33.33 -6.50
C MET B 123 -1.34 33.18 -5.78
N PRO B 124 -2.38 32.74 -6.47
CA PRO B 124 -3.67 32.51 -5.80
C PRO B 124 -3.65 31.23 -4.98
N ALA B 125 -4.73 31.04 -4.23
CA ALA B 125 -4.89 29.93 -3.32
C ALA B 125 -4.92 28.59 -4.04
N GLN B 126 -4.57 27.55 -3.30
CA GLN B 126 -4.70 26.16 -3.70
C GLN B 126 -6.16 25.72 -3.55
N PRO B 127 -6.65 24.83 -4.42
CA PRO B 127 -8.00 24.29 -4.21
C PRO B 127 -8.11 23.51 -2.91
N PHE B 128 -9.29 23.61 -2.27
CA PHE B 128 -9.57 22.79 -1.09
C PHE B 128 -9.51 21.31 -1.45
N HIS B 129 -8.98 20.50 -0.55
CA HIS B 129 -8.84 19.08 -0.80
C HIS B 129 -8.69 18.34 0.52
N ARG B 130 -8.78 17.02 0.44
CA ARG B 130 -8.30 16.11 1.46
C ARG B 130 -7.04 15.45 0.92
N ASP B 131 -6.01 15.34 1.76
CA ASP B 131 -4.84 14.59 1.33
C ASP B 131 -5.21 13.13 1.04
N ASP B 132 -6.32 12.65 1.63
CA ASP B 132 -6.84 11.31 1.43
C ASP B 132 -6.97 10.93 -0.04
N ALA B 133 -7.15 11.93 -0.92
CA ALA B 133 -7.36 11.64 -2.34
C ALA B 133 -6.19 10.89 -2.98
N THR B 134 -5.03 10.81 -2.33
CA THR B 134 -3.95 9.97 -2.85
C THR B 134 -4.39 8.51 -2.92
N HIS B 135 -5.21 8.07 -1.97
CA HIS B 135 -5.67 6.69 -1.86
C HIS B 135 -7.19 6.73 -1.74
N PRO B 136 -7.90 6.72 -2.89
CA PRO B 136 -9.36 6.88 -2.88
C PRO B 136 -10.14 5.89 -2.03
N LEU B 137 -9.56 4.74 -1.64
CA LEU B 137 -10.28 3.85 -0.75
C LEU B 137 -10.63 4.53 0.57
N MET B 138 -9.85 5.54 0.97
CA MET B 138 -10.12 6.22 2.23
C MET B 138 -11.49 6.90 2.24
N HIS B 139 -12.00 7.26 1.07
CA HIS B 139 -13.31 7.90 0.99
C HIS B 139 -14.39 7.01 1.57
N TYR B 140 -14.22 5.69 1.45
CA TYR B 140 -15.21 4.71 1.88
C TYR B 140 -14.98 4.21 3.29
N GLN B 141 -13.87 4.57 3.93
CA GLN B 141 -13.62 4.14 5.30
CA GLN B 141 -13.63 4.13 5.30
C GLN B 141 -14.52 4.92 6.26
N PRO B 142 -15.26 4.24 7.14
CA PRO B 142 -16.09 4.96 8.11
C PRO B 142 -15.23 5.81 9.04
N LEU B 143 -15.84 6.88 9.55
CA LEU B 143 -15.11 7.82 10.41
C LEU B 143 -14.55 7.14 11.64
N GLU B 144 -15.25 6.13 12.17
CA GLU B 144 -14.86 5.47 13.41
C GLU B 144 -13.81 4.39 13.20
N ALA B 145 -13.49 4.03 11.96
CA ALA B 145 -12.50 3.00 11.69
C ALA B 145 -11.11 3.52 12.09
N PRO B 146 -10.15 2.62 12.29
CA PRO B 146 -8.78 3.05 12.60
C PRO B 146 -8.26 3.98 11.52
N PRO B 147 -7.78 5.18 11.89
CA PRO B 147 -7.27 6.09 10.85
C PRO B 147 -6.02 5.53 10.19
N VAL B 148 -5.89 5.84 8.90
CA VAL B 148 -4.78 5.34 8.08
C VAL B 148 -3.93 6.45 7.48
N SER B 149 -4.24 7.72 7.74
CA SER B 149 -3.45 8.80 7.18
CA SER B 149 -3.41 8.79 7.21
C SER B 149 -3.41 9.98 8.16
N LEU B 150 -2.32 10.75 8.12
CA LEU B 150 -2.13 11.93 8.96
C LEU B 150 -1.22 12.91 8.24
N SER B 151 -1.57 14.19 8.25
CA SER B 151 -0.78 15.20 7.57
C SER B 151 -0.07 16.09 8.59
N VAL B 152 1.23 16.25 8.43
CA VAL B 152 2.06 17.03 9.32
C VAL B 152 2.66 18.17 8.50
N ILE B 153 2.24 19.40 8.79
CA ILE B 153 2.51 20.54 7.94
C ILE B 153 3.47 21.48 8.65
N PHE B 154 4.67 21.67 8.10
CA PHE B 154 5.72 22.48 8.71
C PHE B 154 5.82 23.82 8.01
N PRO B 155 5.54 24.94 8.69
CA PRO B 155 5.87 26.25 8.13
C PRO B 155 7.38 26.48 8.19
N LEU B 156 7.97 26.81 7.04
CA LEU B 156 9.38 27.15 7.01
C LEU B 156 9.61 28.63 6.86
N THR B 157 8.55 29.39 6.66
CA THR B 157 8.49 30.84 6.83
C THR B 157 7.31 31.13 7.74
N GLU B 158 7.16 32.38 8.14
CA GLU B 158 5.92 32.78 8.78
C GLU B 158 4.73 32.46 7.88
N PHE B 159 3.62 32.10 8.50
CA PHE B 159 2.33 31.95 7.84
C PHE B 159 1.45 33.07 8.37
N THR B 160 1.00 33.95 7.49
CA THR B 160 0.18 35.10 7.87
C THR B 160 -1.11 35.13 7.06
N GLU B 161 -2.07 35.95 7.50
CA GLU B 161 -3.27 36.16 6.68
C GLU B 161 -2.90 36.69 5.30
N GLU B 162 -1.93 37.61 5.24
CA GLU B 162 -1.56 38.21 3.96
C GLU B 162 -0.87 37.21 3.03
N ASN B 163 -0.03 36.34 3.56
CA ASN B 163 0.80 35.51 2.69
C ASN B 163 0.22 34.12 2.41
N GLY B 164 -0.97 33.80 2.93
CA GLY B 164 -1.67 32.59 2.58
C GLY B 164 -1.51 31.42 3.52
N ALA B 165 -1.47 31.68 4.83
CA ALA B 165 -1.45 30.63 5.84
C ALA B 165 -2.48 29.54 5.51
N THR B 166 -2.09 28.29 5.73
CA THR B 166 -2.96 27.16 5.43
C THR B 166 -4.35 27.35 6.02
N GLU B 167 -5.36 27.07 5.21
CA GLU B 167 -6.76 27.21 5.58
C GLU B 167 -7.31 25.82 5.89
N VAL B 168 -7.94 25.67 7.05
CA VAL B 168 -8.45 24.38 7.51
C VAL B 168 -9.92 24.55 7.86
N ILE B 169 -10.76 23.65 7.36
CA ILE B 169 -12.18 23.66 7.73
C ILE B 169 -12.37 22.71 8.90
N LEU B 170 -12.53 23.26 10.10
CA LEU B 170 -12.67 22.42 11.28
C LEU B 170 -13.94 21.58 11.19
N GLY B 171 -13.86 20.34 11.64
CA GLY B 171 -15.00 19.44 11.62
C GLY B 171 -15.33 18.83 10.28
N SER B 172 -14.58 19.16 9.22
CA SER B 172 -14.91 18.66 7.89
C SER B 172 -14.61 17.18 7.71
N HIS B 173 -13.90 16.56 8.66
CA HIS B 173 -13.77 15.10 8.64
C HIS B 173 -15.09 14.40 8.91
N ARG B 174 -16.11 15.10 9.41
CA ARG B 174 -17.43 14.51 9.59
C ARG B 174 -18.29 14.60 8.35
N TRP B 175 -17.80 15.23 7.27
CA TRP B 175 -18.53 15.30 6.01
C TRP B 175 -18.22 14.07 5.17
N THR B 176 -19.24 13.54 4.50
CA THR B 176 -18.98 12.51 3.51
C THR B 176 -18.19 13.07 2.34
N GLU B 177 -18.67 14.17 1.76
CA GLU B 177 -18.07 14.75 0.57
C GLU B 177 -17.32 16.04 0.89
N VAL B 178 -16.28 16.31 0.10
CA VAL B 178 -15.61 17.61 0.17
C VAL B 178 -16.56 18.71 -0.25
N GLY B 179 -17.30 18.49 -1.34
CA GLY B 179 -18.17 19.53 -1.84
C GLY B 179 -17.38 20.69 -2.43
N THR B 180 -17.99 21.86 -2.41
CA THR B 180 -17.38 23.09 -2.94
C THR B 180 -17.47 24.18 -1.88
N PRO B 181 -16.74 24.05 -0.78
CA PRO B 181 -16.87 25.02 0.31
C PRO B 181 -16.26 26.37 -0.05
N GLU B 182 -16.79 27.41 0.59
CA GLU B 182 -16.27 28.76 0.47
C GLU B 182 -15.05 28.92 1.38
N ARG B 183 -14.16 29.83 1.00
CA ARG B 183 -12.96 30.05 1.81
CA ARG B 183 -12.96 30.09 1.80
C ARG B 183 -13.31 30.50 3.22
N ASP B 184 -14.41 31.24 3.39
CA ASP B 184 -14.79 31.73 4.71
C ASP B 184 -15.26 30.63 5.66
N GLN B 185 -15.40 29.40 5.19
CA GLN B 185 -15.67 28.27 6.09
C GLN B 185 -14.42 27.80 6.81
N ALA B 186 -13.25 28.18 6.33
CA ALA B 186 -11.98 27.78 6.91
C ALA B 186 -11.47 28.82 7.90
N VAL B 187 -10.58 28.37 8.78
CA VAL B 187 -9.81 29.24 9.65
C VAL B 187 -8.34 29.09 9.27
N LEU B 188 -7.54 30.06 9.68
CA LEU B 188 -6.15 30.15 9.24
C LEU B 188 -5.19 29.56 10.26
N ALA B 189 -4.23 28.78 9.77
CA ALA B 189 -3.12 28.29 10.58
C ALA B 189 -1.96 29.28 10.52
N THR B 190 -2.21 30.48 11.07
CA THR B 190 -1.12 31.43 11.24
C THR B 190 -0.12 30.85 12.23
N MET B 191 1.16 30.91 11.88
CA MET B 191 2.22 30.20 12.58
C MET B 191 3.54 30.89 12.30
N ASP B 192 4.51 30.61 13.14
CA ASP B 192 5.90 31.00 12.99
C ASP B 192 6.73 29.79 12.56
N PRO B 193 7.85 29.98 11.89
CA PRO B 193 8.74 28.85 11.58
C PRO B 193 9.10 28.10 12.86
N GLY B 194 9.09 26.77 12.78
CA GLY B 194 9.30 25.93 13.94
C GLY B 194 8.03 25.37 14.54
N ASP B 195 6.88 25.97 14.26
CA ASP B 195 5.59 25.42 14.65
C ASP B 195 5.26 24.24 13.72
N VAL B 196 4.16 23.55 14.02
CA VAL B 196 3.65 22.52 13.12
C VAL B 196 2.12 22.51 13.18
N LEU B 197 1.50 22.28 12.03
CA LEU B 197 0.06 22.06 11.92
C LEU B 197 -0.18 20.59 11.65
N ILE B 198 -1.01 19.96 12.47
CA ILE B 198 -1.33 18.54 12.35
C ILE B 198 -2.77 18.42 11.91
N VAL B 199 -3.01 17.69 10.81
CA VAL B 199 -4.33 17.60 10.18
C VAL B 199 -4.74 16.14 10.05
N ARG B 200 -5.88 15.79 10.67
CA ARG B 200 -6.44 14.45 10.65
C ARG B 200 -6.82 14.03 9.23
N GLN B 201 -6.84 12.72 9.01
CA GLN B 201 -7.49 12.13 7.84
C GLN B 201 -8.87 12.74 7.65
N ARG B 202 -9.21 13.03 6.38
CA ARG B 202 -10.53 13.46 5.93
C ARG B 202 -10.81 14.94 6.19
N VAL B 203 -9.85 15.71 6.68
CA VAL B 203 -10.07 17.13 6.94
C VAL B 203 -9.74 17.94 5.69
N VAL B 204 -10.69 18.79 5.28
CA VAL B 204 -10.55 19.64 4.09
C VAL B 204 -9.68 20.85 4.43
N HIS B 205 -8.71 21.15 3.57
CA HIS B 205 -7.78 22.23 3.84
C HIS B 205 -7.16 22.67 2.51
N ALA B 206 -6.41 23.76 2.54
CA ALA B 206 -5.77 24.27 1.33
C ALA B 206 -4.78 25.37 1.69
N GLY B 207 -3.68 25.43 0.94
CA GLY B 207 -2.85 26.64 0.97
C GLY B 207 -3.63 27.85 0.50
N GLY B 208 -3.31 29.01 1.10
CA GLY B 208 -3.94 30.25 0.72
C GLY B 208 -3.17 31.01 -0.34
N GLY B 209 -3.79 32.07 -0.84
CA GLY B 209 -3.13 32.92 -1.81
C GLY B 209 -2.11 33.82 -1.12
N ASN B 210 -1.00 34.07 -1.81
CA ASN B 210 0.02 34.97 -1.28
C ASN B 210 -0.26 36.36 -1.82
N ARG B 211 -0.86 37.20 -0.98
CA ARG B 211 -1.26 38.54 -1.38
C ARG B 211 -0.20 39.59 -1.11
N THR B 212 0.99 39.19 -0.64
CA THR B 212 2.10 40.14 -0.59
C THR B 212 2.46 40.60 -2.00
N THR B 213 3.12 41.75 -2.10
CA THR B 213 3.29 42.35 -3.42
C THR B 213 4.45 41.73 -4.19
N ALA B 214 5.63 41.65 -3.57
CA ALA B 214 6.78 41.10 -4.28
C ALA B 214 7.79 40.56 -3.27
N GLY B 215 8.39 39.42 -3.63
CA GLY B 215 9.58 38.92 -2.95
C GLY B 215 9.38 38.39 -1.56
N LYS B 216 8.18 37.96 -1.20
CA LYS B 216 7.90 37.45 0.15
C LYS B 216 7.28 36.06 0.06
N PRO B 217 8.06 35.04 -0.34
CA PRO B 217 7.48 33.71 -0.58
C PRO B 217 7.22 32.94 0.70
N ARG B 218 6.10 32.23 0.71
CA ARG B 218 5.75 31.35 1.82
C ARG B 218 6.27 29.95 1.51
N ARG B 219 6.85 29.29 2.52
CA ARG B 219 7.36 27.93 2.35
C ARG B 219 6.66 27.00 3.32
N VAL B 220 6.20 25.87 2.80
CA VAL B 220 5.53 24.84 3.59
C VAL B 220 6.06 23.48 3.17
N VAL B 221 6.37 22.63 4.15
CA VAL B 221 6.69 21.23 3.89
C VAL B 221 5.58 20.37 4.47
N LEU B 222 4.99 19.51 3.64
CA LEU B 222 4.06 18.49 4.12
C LEU B 222 4.81 17.20 4.29
N ALA B 223 4.68 16.60 5.47
CA ALA B 223 5.08 15.22 5.72
C ALA B 223 3.80 14.44 5.91
N TYR B 224 3.52 13.54 4.97
CA TYR B 224 2.26 12.82 4.90
C TYR B 224 2.54 11.39 5.36
N PHE B 225 1.98 11.00 6.49
CA PHE B 225 2.17 9.68 7.04
C PHE B 225 0.94 8.82 6.75
N ASN B 226 1.18 7.55 6.46
CA ASN B 226 0.10 6.60 6.21
C ASN B 226 0.38 5.32 6.99
N SER B 227 -0.68 4.59 7.30
CA SER B 227 -0.54 3.18 7.66
C SER B 227 0.35 2.48 6.65
N VAL B 228 1.16 1.54 7.12
CA VAL B 228 1.98 0.72 6.23
C VAL B 228 1.15 -0.17 5.33
N GLN B 229 -0.16 -0.28 5.60
CA GLN B 229 -1.07 -0.95 4.67
C GLN B 229 -1.19 -0.20 3.34
N LEU B 230 -0.88 1.10 3.33
CA LEU B 230 -1.05 1.94 2.15
C LEU B 230 0.28 2.17 1.44
N THR B 231 0.25 2.03 0.12
CA THR B 231 1.44 2.21 -0.69
C THR B 231 1.94 3.65 -0.63
N PRO B 232 3.22 3.87 -0.36
CA PRO B 232 3.72 5.24 -0.35
C PRO B 232 3.53 5.91 -1.71
N PHE B 233 3.05 7.15 -1.66
CA PHE B 233 2.95 7.97 -2.87
C PHE B 233 4.32 8.12 -3.51
N GLU B 234 5.32 8.49 -2.70
CA GLU B 234 6.72 8.59 -3.11
C GLU B 234 7.44 7.31 -2.71
N THR B 235 8.17 6.70 -3.64
CA THR B 235 8.99 5.54 -3.32
C THR B 235 10.46 5.95 -3.12
N TYR B 236 11.00 5.66 -1.93
CA TYR B 236 12.38 5.96 -1.59
C TYR B 236 13.35 4.83 -1.96
N ARG B 237 12.91 3.90 -2.83
CA ARG B 237 13.69 2.71 -3.11
CA ARG B 237 13.68 2.70 -3.13
C ARG B 237 14.94 2.97 -3.94
N THR B 238 15.09 4.15 -4.53
CA THR B 238 16.31 4.42 -5.30
C THR B 238 17.36 5.17 -4.51
N MET B 239 17.14 5.43 -3.23
CA MET B 239 18.18 6.01 -2.39
C MET B 239 19.40 5.10 -2.38
N PRO B 240 20.60 5.67 -2.44
CA PRO B 240 21.82 4.83 -2.37
C PRO B 240 21.95 4.19 -1.00
N ARG B 241 22.60 3.02 -0.98
CA ARG B 241 22.73 2.27 0.26
C ARG B 241 23.41 3.08 1.34
N GLU B 242 24.45 3.83 0.98
CA GLU B 242 25.17 4.58 2.00
C GLU B 242 24.28 5.64 2.64
N MET B 243 23.36 6.23 1.86
CA MET B 243 22.41 7.16 2.45
C MET B 243 21.46 6.45 3.39
N VAL B 244 20.89 5.32 2.94
CA VAL B 244 19.96 4.57 3.78
C VAL B 244 20.62 4.17 5.09
N GLU B 245 21.85 3.64 5.01
CA GLU B 245 22.55 3.14 6.19
C GLU B 245 22.97 4.27 7.15
N SER B 246 23.02 5.51 6.66
CA SER B 246 23.29 6.65 7.52
C SER B 246 22.09 7.08 8.35
N MET B 247 20.90 6.57 8.04
CA MET B 247 19.73 6.87 8.82
C MET B 247 19.63 5.97 10.04
N THR B 248 18.86 6.41 11.02
CA THR B 248 18.51 5.55 12.14
C THR B 248 17.52 4.48 11.67
N VAL B 249 17.33 3.47 12.52
CA VAL B 249 16.32 2.45 12.24
C VAL B 249 14.96 3.09 11.99
N LEU B 250 14.57 4.05 12.84
CA LEU B 250 13.27 4.70 12.68
C LEU B 250 13.18 5.39 11.33
N GLY B 251 14.24 6.08 10.90
CA GLY B 251 14.24 6.72 9.60
C GLY B 251 14.08 5.71 8.46
N GLN B 252 14.81 4.59 8.55
CA GLN B 252 14.69 3.55 7.52
C GLN B 252 13.29 2.99 7.47
N ARG B 253 12.68 2.76 8.64
CA ARG B 253 11.31 2.28 8.70
C ARG B 253 10.36 3.27 8.03
N MET B 254 10.55 4.57 8.28
CA MET B 254 9.67 5.56 7.67
C MET B 254 9.80 5.58 6.16
N LEU B 255 10.99 5.33 5.62
CA LEU B 255 11.23 5.46 4.20
C LEU B 255 11.06 4.16 3.41
N GLY B 256 10.44 3.12 4.00
CA GLY B 256 10.08 1.94 3.25
C GLY B 256 11.16 0.89 3.14
N TRP B 257 12.29 1.05 3.83
CA TRP B 257 13.43 0.16 3.71
C TRP B 257 13.39 -1.01 4.68
N ARG B 258 12.33 -1.15 5.48
CA ARG B 258 12.23 -2.26 6.43
C ARG B 258 10.87 -2.93 6.32
N THR B 259 10.82 -4.19 6.75
CA THR B 259 9.54 -4.87 6.92
C THR B 259 8.79 -4.21 8.07
N MET B 260 7.46 -4.11 7.92
CA MET B 260 6.62 -3.39 8.87
C MET B 260 5.46 -4.29 9.29
N LYS B 261 4.65 -3.80 10.22
CA LYS B 261 3.60 -4.62 10.85
C LYS B 261 2.28 -3.88 10.94
N PRO B 262 1.30 -4.20 10.09
CA PRO B 262 -0.07 -3.74 10.34
C PRO B 262 -0.59 -4.35 11.63
N SER B 263 -1.73 -3.85 12.08
CA SER B 263 -2.37 -4.39 13.26
CA SER B 263 -2.38 -4.39 13.26
C SER B 263 -2.77 -5.85 13.05
N ASP B 264 -3.00 -6.53 14.16
CA ASP B 264 -3.71 -7.78 14.09
C ASP B 264 -5.02 -7.53 13.33
N PRO B 265 -5.52 -8.52 12.57
CA PRO B 265 -5.11 -9.93 12.52
C PRO B 265 -3.91 -10.29 11.65
N ASN B 266 -3.21 -9.31 11.07
CA ASN B 266 -1.99 -9.64 10.34
C ASN B 266 -0.88 -9.79 11.37
N ILE B 267 -0.55 -11.04 11.73
CA ILE B 267 0.52 -11.30 12.69
C ILE B 267 1.87 -11.49 12.02
N VAL B 268 1.92 -11.45 10.70
CA VAL B 268 3.13 -11.75 9.94
C VAL B 268 3.89 -10.49 9.58
N GLY B 269 3.24 -9.53 8.94
CA GLY B 269 3.86 -8.30 8.54
C GLY B 269 3.50 -7.93 7.12
N ILE B 270 4.22 -6.93 6.60
CA ILE B 270 4.01 -6.44 5.25
C ILE B 270 5.36 -5.94 4.76
N ASN B 271 5.57 -5.92 3.44
CA ASN B 271 6.84 -5.49 2.87
C ASN B 271 7.96 -6.47 3.24
N LEU B 272 7.69 -7.76 3.06
CA LEU B 272 8.72 -8.75 3.32
CA LEU B 272 8.56 -8.90 3.32
C LEU B 272 9.18 -9.37 2.01
N ILE B 273 10.22 -10.20 2.13
CA ILE B 273 10.83 -10.82 0.96
C ILE B 273 11.36 -12.19 1.35
N ASP B 274 10.96 -13.23 0.61
CA ASP B 274 11.43 -14.59 0.85
C ASP B 274 11.15 -15.05 2.28
N ASP B 275 10.01 -14.61 2.83
CA ASP B 275 9.59 -14.90 4.20
C ASP B 275 10.57 -14.35 5.24
N LYS B 276 11.29 -13.30 4.87
CA LYS B 276 12.29 -12.68 5.72
C LYS B 276 12.06 -11.17 5.75
N ARG B 277 12.70 -10.52 6.72
CA ARG B 277 12.63 -9.07 6.78
C ARG B 277 13.49 -8.45 5.69
N LEU B 278 12.97 -7.41 5.06
CA LEU B 278 13.69 -6.73 3.98
C LEU B 278 15.07 -6.28 4.42
N GLU B 279 15.17 -5.71 5.62
CA GLU B 279 16.45 -5.23 6.12
C GLU B 279 17.42 -6.37 6.39
N ASN B 280 16.92 -7.58 6.62
CA ASN B 280 17.82 -8.71 6.78
C ASN B 280 18.30 -9.23 5.44
N VAL B 281 17.40 -9.33 4.45
CA VAL B 281 17.82 -9.73 3.10
C VAL B 281 18.86 -8.75 2.57
N LEU B 282 18.68 -7.45 2.84
CA LEU B 282 19.62 -6.43 2.38
C LEU B 282 20.81 -6.25 3.29
N GLN B 283 20.83 -6.88 4.47
CA GLN B 283 21.90 -6.70 5.46
C GLN B 283 22.13 -5.23 5.76
N LEU B 284 21.03 -4.51 6.03
CA LEU B 284 21.13 -3.07 6.20
C LEU B 284 21.74 -2.73 7.56
N LYS B 285 22.80 -1.92 7.54
CA LYS B 285 23.25 -1.26 8.74
C LYS B 285 22.40 -0.02 9.00
N ALA B 286 22.51 0.51 10.21
CA ALA B 286 21.81 1.74 10.58
C ALA B 286 22.67 2.53 11.54
N ALA B 287 22.43 3.83 11.60
CA ALA B 287 23.22 4.72 12.45
C ALA B 287 23.12 4.33 13.93
N ASP B 288 21.97 3.84 14.36
CA ASP B 288 21.81 3.42 15.75
C ASP B 288 21.65 1.91 15.86
#